data_2ZM1
#
_entry.id   2ZM1
#
_cell.length_a   42.308
_cell.length_b   73.830
_cell.length_c   92.490
_cell.angle_alpha   90.00
_cell.angle_beta   90.00
_cell.angle_gamma   90.00
#
_symmetry.space_group_name_H-M   'P 21 21 21'
#
loop_
_entity.id
_entity.type
_entity.pdbx_description
1 polymer 'Proto-oncogene tyrosine-protein kinase LCK'
2 non-polymer 'SULFATE ION'
3 non-polymer 'DIMETHYL SULFOXIDE'
4 non-polymer N-(2-chlorophenyl)-5-phenylimidazo[1,5-a]pyrazin-8-amine
5 water water
#
_entity_poly.entity_id   1
_entity_poly.type   'polypeptide(L)'
_entity_poly.pdbx_seq_one_letter_code
;QTQKPQKPWWEDEWEVPRETLKLVERLGAGQFGEVWMGYYNGHTKVAVKSLKQGSMSPDAFLAEANLMKQLQHQRLVRLY
AVVTQEPIYIITEYMENGSLVDFLKTPSGIKLTINKLLDMAAQIAEGMAFIEERNYIHRDLRAANILVSDTLSCKIADFG
LARLIEDNE(PTR)TAREGAKFPIKWTAPEAINYGTFTIKSDVWSFGILLTEIVTHGRIPYPGMTNPEVIQNLERGYRMV
RPDNCPEELYQLMRLCWKERPEDRPTFDYLRSVLEDFFTATEGQYQPQP
;
_entity_poly.pdbx_strand_id   A
#
# COMPACT_ATOMS: atom_id res chain seq x y z
N LYS A 7 7.49 23.17 -11.29
CA LYS A 7 7.17 24.00 -12.52
C LYS A 7 5.71 24.48 -12.54
N PRO A 8 5.43 25.66 -13.13
CA PRO A 8 4.01 26.05 -13.20
C PRO A 8 3.20 25.13 -14.13
N TRP A 9 1.88 25.14 -13.98
CA TRP A 9 1.03 24.25 -14.76
C TRP A 9 1.27 24.33 -16.26
N TRP A 10 1.68 25.48 -16.78
CA TRP A 10 1.81 25.65 -18.26
C TRP A 10 3.14 25.06 -18.78
N GLU A 11 4.02 24.74 -17.84
CA GLU A 11 5.31 24.08 -18.16
C GLU A 11 5.39 22.60 -17.68
N ASP A 12 4.46 22.24 -16.79
CA ASP A 12 4.44 20.93 -16.13
C ASP A 12 4.05 19.82 -17.12
N GLU A 13 4.98 18.93 -17.44
CA GLU A 13 4.73 17.77 -18.32
C GLU A 13 3.59 16.84 -17.87
N TRP A 14 3.23 16.92 -16.59
CA TRP A 14 2.13 16.12 -16.02
C TRP A 14 0.76 16.74 -16.17
N GLU A 15 0.67 18.07 -16.29
CA GLU A 15 -0.64 18.70 -16.53
C GLU A 15 -1.28 18.17 -17.86
N VAL A 16 -2.54 17.75 -17.82
CA VAL A 16 -3.32 17.51 -19.08
C VAL A 16 -4.59 18.35 -19.13
N PRO A 17 -5.04 18.78 -20.33
CA PRO A 17 -6.38 19.39 -20.44
C PRO A 17 -7.46 18.40 -19.93
N ARG A 18 -8.42 18.89 -19.13
CA ARG A 18 -9.51 18.03 -18.62
C ARG A 18 -10.29 17.25 -19.72
N GLU A 19 -10.31 17.85 -20.92
CA GLU A 19 -10.96 17.35 -22.16
C GLU A 19 -10.44 15.99 -22.59
N THR A 20 -9.18 15.73 -22.28
CA THR A 20 -8.53 14.46 -22.62
C THR A 20 -9.15 13.27 -21.86
N LEU A 21 -9.99 13.55 -20.87
CA LEU A 21 -10.50 12.49 -19.99
C LEU A 21 -12.01 12.27 -20.00
N LYS A 22 -12.41 11.00 -20.02
CA LYS A 22 -13.80 10.62 -19.93
C LYS A 22 -14.02 9.63 -18.77
N LEU A 23 -14.78 10.06 -17.76
CA LEU A 23 -15.04 9.28 -16.54
C LEU A 23 -16.21 8.35 -16.84
N VAL A 24 -15.96 7.05 -16.66
CA VAL A 24 -16.89 6.06 -17.17
C VAL A 24 -17.67 5.35 -16.06
N GLU A 25 -16.96 4.79 -15.08
CA GLU A 25 -17.53 4.01 -14.01
C GLU A 25 -16.89 4.39 -12.67
N ARG A 26 -17.73 4.75 -11.69
CA ARG A 26 -17.22 5.16 -10.40
C ARG A 26 -16.83 3.94 -9.61
N LEU A 27 -15.62 3.94 -9.07
CA LEU A 27 -15.10 2.81 -8.32
C LEU A 27 -15.27 3.00 -6.83
N GLY A 28 -15.20 4.26 -6.36
CA GLY A 28 -15.26 4.61 -4.92
C GLY A 28 -15.61 6.08 -4.69
N ALA A 29 -16.22 6.34 -3.52
CA ALA A 29 -16.62 7.69 -3.08
C ALA A 29 -16.49 7.77 -1.55
N GLY A 30 -15.87 8.84 -1.07
CA GLY A 30 -15.72 9.02 0.36
C GLY A 30 -15.80 10.49 0.66
N GLN A 31 -15.31 10.84 1.84
CA GLN A 31 -15.36 12.18 2.39
C GLN A 31 -14.60 13.19 1.54
N PHE A 32 -13.55 12.71 0.85
CA PHE A 32 -12.62 13.62 0.20
C PHE A 32 -12.62 13.56 -1.33
N GLY A 33 -13.55 12.80 -1.88
CA GLY A 33 -13.66 12.68 -3.33
C GLY A 33 -13.99 11.27 -3.82
N GLU A 34 -13.81 11.08 -5.14
CA GLU A 34 -14.19 9.86 -5.83
C GLU A 34 -12.99 9.27 -6.58
N VAL A 35 -13.05 7.96 -6.85
CA VAL A 35 -12.17 7.32 -7.85
C VAL A 35 -13.00 6.71 -8.96
N TRP A 36 -12.64 7.02 -10.19
CA TRP A 36 -13.33 6.53 -11.37
C TRP A 36 -12.37 5.72 -12.25
N MET A 37 -12.90 4.70 -12.90
CA MET A 37 -12.31 4.20 -14.17
C MET A 37 -12.77 5.12 -15.29
N GLY A 38 -11.84 5.54 -16.13
CA GLY A 38 -12.18 6.26 -17.35
C GLY A 38 -11.16 6.06 -18.46
N TYR A 39 -11.25 6.90 -19.50
CA TYR A 39 -10.31 6.86 -20.63
C TYR A 39 -9.63 8.20 -20.83
N TYR A 40 -8.35 8.09 -21.19
CA TYR A 40 -7.52 9.20 -21.59
C TYR A 40 -7.33 9.09 -23.08
N ASN A 41 -7.68 10.17 -23.75
CA ASN A 41 -7.63 10.27 -25.18
C ASN A 41 -8.37 9.14 -25.91
N GLY A 42 -9.55 8.80 -25.39
CA GLY A 42 -10.39 7.76 -26.00
C GLY A 42 -10.01 6.31 -25.76
N HIS A 43 -8.71 5.98 -25.78
CA HIS A 43 -8.24 4.57 -25.85
C HIS A 43 -7.56 3.97 -24.64
N THR A 44 -7.01 4.81 -23.77
CA THR A 44 -6.14 4.34 -22.69
C THR A 44 -6.93 4.41 -21.40
N LYS A 45 -7.17 3.24 -20.82
CA LYS A 45 -7.81 3.05 -19.55
C LYS A 45 -6.94 3.58 -18.40
N VAL A 46 -7.58 4.40 -17.55
CA VAL A 46 -6.93 5.18 -16.48
C VAL A 46 -7.81 5.13 -15.20
N ALA A 47 -7.20 5.32 -14.03
CA ALA A 47 -7.97 5.67 -12.83
C ALA A 47 -7.95 7.18 -12.65
N VAL A 48 -9.06 7.78 -12.26
CA VAL A 48 -9.11 9.23 -11.94
C VAL A 48 -9.61 9.41 -10.51
N LYS A 49 -8.74 9.87 -9.62
CA LYS A 49 -9.12 10.35 -8.28
C LYS A 49 -9.46 11.88 -8.31
N SER A 50 -10.68 12.21 -7.91
CA SER A 50 -11.14 13.60 -7.95
C SER A 50 -11.26 14.12 -6.52
N LEU A 51 -10.83 15.37 -6.32
CA LEU A 51 -10.94 16.03 -5.00
C LEU A 51 -12.28 16.75 -4.82
N LYS A 52 -13.02 16.39 -3.77
CA LYS A 52 -14.26 17.06 -3.39
C LYS A 52 -13.92 18.41 -2.77
N GLN A 53 -14.32 19.47 -3.46
CA GLN A 53 -13.84 20.81 -3.16
C GLN A 53 -14.25 21.18 -1.75
N GLY A 54 -13.35 21.80 -1.01
CA GLY A 54 -13.62 22.20 0.37
C GLY A 54 -13.43 21.11 1.40
N SER A 55 -13.41 19.84 0.97
CA SER A 55 -13.22 18.73 1.90
C SER A 55 -11.83 18.64 2.50
N MET A 56 -10.85 19.14 1.78
CA MET A 56 -9.49 19.14 2.25
C MET A 56 -8.72 20.07 1.32
N SER A 57 -7.52 20.45 1.74
CA SER A 57 -6.70 21.36 0.96
C SER A 57 -6.26 20.77 -0.39
N PRO A 58 -6.31 21.58 -1.47
CA PRO A 58 -5.84 21.03 -2.74
C PRO A 58 -4.30 20.84 -2.75
N ASP A 59 -3.55 21.71 -2.07
CA ASP A 59 -2.10 21.50 -1.84
C ASP A 59 -1.88 20.14 -1.19
N ALA A 60 -2.70 19.81 -0.20
CA ALA A 60 -2.61 18.54 0.53
C ALA A 60 -2.96 17.37 -0.42
N PHE A 61 -3.99 17.56 -1.26
CA PHE A 61 -4.41 16.53 -2.25
C PHE A 61 -3.31 16.30 -3.29
N LEU A 62 -2.79 17.38 -3.84
CA LEU A 62 -1.74 17.31 -4.86
C LEU A 62 -0.38 16.81 -4.37
N ALA A 63 -0.14 16.90 -3.07
CA ALA A 63 1.10 16.42 -2.50
C ALA A 63 1.38 14.93 -2.87
N GLU A 64 0.33 14.13 -2.92
CA GLU A 64 0.47 12.71 -3.26
C GLU A 64 0.97 12.57 -4.71
N ALA A 65 0.36 13.29 -5.64
CA ALA A 65 0.87 13.32 -7.03
C ALA A 65 2.34 13.81 -7.14
N ASN A 66 2.71 14.89 -6.43
CA ASN A 66 4.13 15.31 -6.45
C ASN A 66 5.12 14.23 -5.97
N LEU A 67 4.75 13.52 -4.91
CA LEU A 67 5.61 12.44 -4.45
C LEU A 67 5.73 11.31 -5.53
N MET A 68 4.60 10.97 -6.18
CA MET A 68 4.59 9.91 -7.17
C MET A 68 5.47 10.28 -8.39
N LYS A 69 5.55 11.57 -8.73
CA LYS A 69 6.53 12.03 -9.74
C LYS A 69 7.98 11.57 -9.50
N GLN A 70 8.33 11.37 -8.21
CA GLN A 70 9.67 10.99 -7.73
C GLN A 70 9.90 9.51 -7.53
N LEU A 71 8.83 8.73 -7.41
CA LEU A 71 8.91 7.30 -7.15
C LEU A 71 8.30 6.51 -8.26
N GLN A 72 9.00 6.36 -9.37
CA GLN A 72 8.48 5.59 -10.47
C GLN A 72 9.18 4.23 -10.57
N HIS A 73 8.38 3.16 -10.59
CA HIS A 73 8.88 1.77 -10.69
C HIS A 73 7.73 0.91 -11.24
N GLN A 74 8.03 -0.24 -11.87
CA GLN A 74 6.97 -1.14 -12.36
C GLN A 74 6.04 -1.63 -11.26
N ARG A 75 6.56 -1.75 -10.04
CA ARG A 75 5.82 -2.32 -8.90
C ARG A 75 5.05 -1.27 -8.09
N LEU A 76 5.08 -0.01 -8.55
CA LEU A 76 4.34 1.08 -7.91
C LEU A 76 3.36 1.67 -8.94
N VAL A 77 2.11 1.86 -8.50
CA VAL A 77 1.07 2.41 -9.40
C VAL A 77 1.60 3.76 -9.94
N ARG A 78 1.58 3.88 -11.26
CA ARG A 78 2.24 4.97 -11.97
C ARG A 78 1.37 6.22 -12.12
N LEU A 79 1.92 7.39 -11.72
CA LEU A 79 1.28 8.68 -12.07
C LEU A 79 1.24 8.87 -13.58
N TYR A 80 0.07 9.28 -14.09
CA TYR A 80 -0.08 9.65 -15.50
C TYR A 80 -0.17 11.17 -15.68
N ALA A 81 -0.94 11.82 -14.84
CA ALA A 81 -1.21 13.23 -15.10
C ALA A 81 -1.97 13.85 -13.95
N VAL A 82 -1.95 15.19 -13.91
CA VAL A 82 -2.79 15.98 -12.99
C VAL A 82 -3.65 16.99 -13.77
N VAL A 83 -4.79 17.37 -13.20
CA VAL A 83 -5.56 18.56 -13.65
C VAL A 83 -5.63 19.47 -12.42
N THR A 84 -5.01 20.63 -12.48
CA THR A 84 -4.82 21.40 -11.26
C THR A 84 -5.77 22.59 -11.09
N GLN A 85 -6.87 22.60 -11.85
CA GLN A 85 -7.99 23.54 -11.72
C GLN A 85 -9.14 22.73 -11.19
N GLU A 86 -9.96 23.31 -10.31
CA GLU A 86 -11.09 22.60 -9.66
C GLU A 86 -12.19 22.14 -10.62
N PRO A 87 -12.69 20.90 -10.44
CA PRO A 87 -12.23 19.88 -9.49
C PRO A 87 -10.84 19.29 -9.85
N ILE A 88 -9.96 19.21 -8.86
CA ILE A 88 -8.60 18.71 -9.04
C ILE A 88 -8.64 17.19 -9.29
N TYR A 89 -7.91 16.74 -10.31
CA TYR A 89 -7.74 15.30 -10.62
C TYR A 89 -6.31 14.84 -10.46
N ILE A 90 -6.16 13.61 -9.97
CA ILE A 90 -4.92 12.81 -10.12
C ILE A 90 -5.28 11.59 -11.02
N ILE A 91 -4.58 11.49 -12.12
CA ILE A 91 -4.81 10.39 -13.08
C ILE A 91 -3.63 9.38 -12.99
N THR A 92 -3.94 8.08 -12.86
CA THR A 92 -2.88 7.06 -12.83
C THR A 92 -3.11 5.87 -13.77
N GLU A 93 -2.10 5.02 -13.87
CA GLU A 93 -2.23 3.64 -14.30
C GLU A 93 -3.52 2.95 -13.77
N TYR A 94 -4.29 2.31 -14.65
CA TYR A 94 -5.48 1.57 -14.19
C TYR A 94 -5.13 0.11 -13.75
N MET A 95 -5.69 -0.31 -12.62
CA MET A 95 -5.45 -1.63 -12.06
C MET A 95 -6.77 -2.41 -12.09
N GLU A 96 -6.88 -3.27 -13.10
CA GLU A 96 -8.11 -3.90 -13.48
C GLU A 96 -8.76 -4.78 -12.42
N ASN A 97 -7.95 -5.43 -11.57
CA ASN A 97 -8.52 -6.31 -10.57
C ASN A 97 -8.65 -5.68 -9.22
N GLY A 98 -8.49 -4.38 -9.15
CA GLY A 98 -8.86 -3.64 -7.94
C GLY A 98 -7.93 -3.93 -6.77
N SER A 99 -8.44 -3.80 -5.55
CA SER A 99 -7.56 -3.96 -4.40
C SER A 99 -7.37 -5.43 -4.01
N LEU A 100 -6.15 -5.75 -3.58
CA LEU A 100 -5.80 -7.12 -3.21
C LEU A 100 -6.79 -7.66 -2.18
N VAL A 101 -7.13 -6.86 -1.17
CA VAL A 101 -8.02 -7.32 -0.11
C VAL A 101 -9.35 -7.81 -0.73
N ASP A 102 -9.85 -7.05 -1.71
CA ASP A 102 -11.10 -7.41 -2.46
C ASP A 102 -10.86 -8.54 -3.43
N PHE A 103 -9.73 -8.51 -4.15
CA PHE A 103 -9.47 -9.56 -5.14
C PHE A 103 -9.40 -10.99 -4.58
N LEU A 104 -8.74 -11.12 -3.43
CA LEU A 104 -8.57 -12.41 -2.77
C LEU A 104 -9.87 -13.13 -2.38
N LYS A 105 -10.97 -12.36 -2.34
CA LYS A 105 -12.31 -12.87 -1.97
C LYS A 105 -13.19 -13.29 -3.15
N THR A 106 -12.77 -12.96 -4.37
CA THR A 106 -13.54 -13.21 -5.57
C THR A 106 -13.31 -14.67 -5.96
N PRO A 107 -14.20 -15.24 -6.82
CA PRO A 107 -13.98 -16.62 -7.27
C PRO A 107 -12.55 -16.90 -7.78
N SER A 108 -11.96 -15.97 -8.55
CA SER A 108 -10.57 -16.12 -9.03
C SER A 108 -9.54 -16.03 -7.89
N GLY A 109 -9.70 -15.06 -6.99
CA GLY A 109 -8.84 -14.98 -5.81
C GLY A 109 -8.87 -16.26 -4.98
N ILE A 110 -10.06 -16.81 -4.74
CA ILE A 110 -10.25 -18.06 -3.99
C ILE A 110 -9.44 -19.24 -4.57
N LYS A 111 -9.46 -19.37 -5.86
CA LYS A 111 -8.78 -20.47 -6.50
C LYS A 111 -7.24 -20.36 -6.51
N LEU A 112 -6.66 -19.23 -6.12
CA LEU A 112 -5.16 -19.10 -6.17
C LEU A 112 -4.44 -20.07 -5.26
N THR A 113 -3.41 -20.72 -5.78
CA THR A 113 -2.61 -21.66 -4.96
C THR A 113 -1.69 -20.87 -4.05
N ILE A 114 -1.13 -21.54 -3.02
CA ILE A 114 -0.17 -20.89 -2.12
C ILE A 114 1.04 -20.33 -2.88
N ASN A 115 1.42 -21.02 -3.94
CA ASN A 115 2.54 -20.61 -4.80
C ASN A 115 2.33 -19.20 -5.37
N LYS A 116 1.12 -18.98 -5.90
CA LYS A 116 0.76 -17.71 -6.49
C LYS A 116 0.65 -16.63 -5.40
N LEU A 117 0.19 -17.04 -4.22
CA LEU A 117 0.13 -16.10 -3.11
C LEU A 117 1.54 -15.63 -2.73
N LEU A 118 2.48 -16.57 -2.64
CA LEU A 118 3.87 -16.27 -2.30
C LEU A 118 4.54 -15.39 -3.36
N ASP A 119 4.30 -15.71 -4.64
CA ASP A 119 4.60 -14.83 -5.80
C ASP A 119 4.10 -13.40 -5.57
N MET A 120 2.79 -13.21 -5.37
CA MET A 120 2.29 -11.84 -5.14
C MET A 120 2.98 -11.14 -3.94
N ALA A 121 3.16 -11.86 -2.84
CA ALA A 121 3.91 -11.35 -1.66
C ALA A 121 5.32 -10.83 -2.02
N ALA A 122 6.07 -11.62 -2.78
CA ALA A 122 7.37 -11.24 -3.30
C ALA A 122 7.28 -9.95 -4.14
N GLN A 123 6.25 -9.84 -4.99
CA GLN A 123 6.10 -8.65 -5.85
C GLN A 123 5.96 -7.34 -5.01
N ILE A 124 5.22 -7.47 -3.92
CA ILE A 124 4.93 -6.38 -3.01
C ILE A 124 6.20 -5.98 -2.27
N ALA A 125 6.91 -6.97 -1.71
CA ALA A 125 8.26 -6.75 -1.14
C ALA A 125 9.21 -6.05 -2.13
N GLU A 126 9.14 -6.46 -3.41
CA GLU A 126 10.02 -5.87 -4.44
C GLU A 126 9.71 -4.39 -4.64
N GLY A 127 8.43 -4.06 -4.70
CA GLY A 127 7.97 -2.67 -4.62
C GLY A 127 8.47 -1.86 -3.43
N MET A 128 8.25 -2.39 -2.24
CA MET A 128 8.79 -1.83 -1.00
C MET A 128 10.33 -1.74 -0.94
N ALA A 129 11.03 -2.64 -1.64
CA ALA A 129 12.49 -2.62 -1.69
C ALA A 129 12.97 -1.37 -2.46
N PHE A 130 12.23 -1.02 -3.52
CA PHE A 130 12.48 0.21 -4.26
C PHE A 130 12.24 1.47 -3.42
N ILE A 131 11.14 1.46 -2.66
CA ILE A 131 10.76 2.55 -1.76
C ILE A 131 11.85 2.75 -0.69
N GLU A 132 12.27 1.65 -0.08
CA GLU A 132 13.41 1.59 0.82
C GLU A 132 14.72 2.11 0.21
N GLU A 133 15.10 1.64 -0.99
CA GLU A 133 16.33 2.14 -1.60
C GLU A 133 16.31 3.67 -1.82
N ARG A 134 15.12 4.23 -2.09
CA ARG A 134 14.97 5.65 -2.47
C ARG A 134 14.86 6.59 -1.28
N ASN A 135 14.92 6.00 -0.08
CA ASN A 135 14.83 6.76 1.17
C ASN A 135 13.43 7.26 1.47
N TYR A 136 12.42 6.49 1.04
CA TYR A 136 11.03 6.85 1.35
C TYR A 136 10.47 5.85 2.37
N ILE A 137 9.36 6.22 3.02
CA ILE A 137 8.54 5.27 3.77
C ILE A 137 7.12 5.42 3.23
N HIS A 138 6.31 4.39 3.44
CA HIS A 138 4.94 4.33 2.98
C HIS A 138 3.90 4.63 4.11
N ARG A 139 4.01 3.95 5.25
CA ARG A 139 3.15 4.21 6.44
C ARG A 139 1.68 3.72 6.37
N ASP A 140 1.24 3.24 5.22
CA ASP A 140 -0.13 2.78 5.02
C ASP A 140 -0.13 1.47 4.25
N LEU A 141 0.88 0.63 4.53
CA LEU A 141 1.05 -0.67 3.85
C LEU A 141 0.15 -1.77 4.45
N ARG A 142 -0.75 -2.25 3.61
CA ARG A 142 -1.86 -3.11 4.01
C ARG A 142 -2.47 -3.61 2.70
N ALA A 143 -3.11 -4.79 2.71
CA ALA A 143 -3.71 -5.38 1.48
C ALA A 143 -4.72 -4.48 0.73
N ALA A 144 -5.46 -3.63 1.46
CA ALA A 144 -6.33 -2.62 0.85
C ALA A 144 -5.60 -1.65 -0.08
N ASN A 145 -4.30 -1.43 0.18
CA ASN A 145 -3.47 -0.47 -0.59
C ASN A 145 -2.45 -1.10 -1.58
N ILE A 146 -2.65 -2.37 -1.87
CA ILE A 146 -1.99 -3.09 -2.96
C ILE A 146 -3.08 -3.30 -4.04
N LEU A 147 -2.77 -2.91 -5.28
CA LEU A 147 -3.68 -3.12 -6.40
C LEU A 147 -3.16 -4.23 -7.30
N VAL A 148 -4.11 -4.89 -7.97
CA VAL A 148 -3.89 -6.10 -8.77
C VAL A 148 -4.24 -5.83 -10.23
N SER A 149 -3.32 -6.24 -11.13
CA SER A 149 -3.46 -6.02 -12.57
C SER A 149 -4.30 -7.13 -13.18
N ASP A 150 -4.70 -6.93 -14.42
CA ASP A 150 -5.36 -7.97 -15.20
C ASP A 150 -4.50 -9.25 -15.35
N THR A 151 -3.16 -9.14 -15.26
CA THR A 151 -2.27 -10.31 -15.38
C THR A 151 -1.90 -10.93 -14.00
N LEU A 152 -2.56 -10.43 -12.94
CA LEU A 152 -2.30 -10.85 -11.56
C LEU A 152 -0.88 -10.50 -11.07
N SER A 153 -0.42 -9.32 -11.46
CA SER A 153 0.74 -8.70 -10.84
C SER A 153 0.25 -7.66 -9.80
N CYS A 154 1.08 -7.40 -8.79
CA CYS A 154 0.72 -6.50 -7.70
C CYS A 154 1.54 -5.21 -7.70
N LYS A 155 0.89 -4.10 -7.35
CA LYS A 155 1.56 -2.79 -7.26
C LYS A 155 1.14 -2.01 -5.99
N ILE A 156 2.09 -1.31 -5.40
CA ILE A 156 1.83 -0.44 -4.27
C ILE A 156 1.05 0.80 -4.75
N ALA A 157 0.05 1.19 -3.99
CA ALA A 157 -0.77 2.35 -4.29
C ALA A 157 -0.89 3.18 -3.01
N ASP A 158 -1.90 4.05 -2.97
CA ASP A 158 -2.12 5.03 -1.89
C ASP A 158 -0.88 5.58 -1.21
N PHE A 159 -0.32 6.64 -1.77
CA PHE A 159 0.92 7.23 -1.29
C PHE A 159 0.68 8.46 -0.39
N GLY A 160 -0.51 8.56 0.18
CA GLY A 160 -0.96 9.81 0.81
C GLY A 160 -0.17 10.08 2.08
N LEU A 161 0.24 9.02 2.77
CA LEU A 161 1.03 9.17 3.98
C LEU A 161 2.54 8.99 3.72
N ALA A 162 2.87 8.58 2.50
CA ALA A 162 4.23 8.36 2.08
C ALA A 162 5.10 9.65 2.21
N ARG A 163 6.34 9.49 2.63
CA ARG A 163 7.25 10.61 2.92
C ARG A 163 8.69 10.26 2.53
N LEU A 164 9.38 11.25 1.96
CA LEU A 164 10.83 11.22 1.76
C LEU A 164 11.46 11.43 3.12
N ILE A 165 12.28 10.50 3.54
CA ILE A 165 12.80 10.54 4.87
C ILE A 165 14.01 11.46 5.02
N GLU A 166 13.94 12.31 6.02
CA GLU A 166 15.09 13.09 6.45
C GLU A 166 15.52 12.41 7.75
N ASP A 167 16.76 11.89 7.71
CA ASP A 167 17.43 11.29 8.88
C ASP A 167 16.88 9.93 9.36
N ASN A 168 16.25 9.20 8.44
CA ASN A 168 15.74 7.86 8.71
C ASN A 168 14.40 7.78 9.44
N GLU A 169 14.04 8.86 10.15
CA GLU A 169 12.83 8.92 10.96
C GLU A 169 11.93 10.11 10.57
N THR A 171 8.53 11.80 12.24
CA THR A 171 7.78 11.85 13.48
C THR A 171 6.45 12.53 13.21
N ALA A 172 5.35 11.82 13.42
CA ALA A 172 4.03 12.42 13.23
C ALA A 172 3.70 13.30 14.45
N ARG A 173 2.61 14.06 14.39
CA ARG A 173 2.12 14.85 15.55
C ARG A 173 1.52 13.98 16.67
N GLU A 174 1.74 14.38 17.92
CA GLU A 174 1.06 13.82 19.09
C GLU A 174 -0.42 13.40 18.88
N GLY A 175 -1.20 14.23 18.19
CA GLY A 175 -2.60 13.85 17.87
C GLY A 175 -2.83 12.67 16.91
N ALA A 176 -1.96 12.54 15.90
CA ALA A 176 -2.14 11.62 14.77
C ALA A 176 -2.47 10.17 15.13
N LYS A 177 -3.50 9.61 14.47
CA LYS A 177 -3.89 8.22 14.75
C LYS A 177 -3.68 7.32 13.53
N PHE A 178 -3.36 6.05 13.78
CA PHE A 178 -3.05 5.06 12.72
C PHE A 178 -3.69 3.68 13.05
N PRO A 179 -4.01 2.87 12.01
CA PRO A 179 -4.68 1.60 12.23
C PRO A 179 -3.83 0.75 13.15
N ILE A 180 -4.36 0.43 14.33
CA ILE A 180 -3.55 -0.23 15.35
C ILE A 180 -3.00 -1.60 14.94
N LYS A 181 -3.81 -2.40 14.23
CA LYS A 181 -3.44 -3.79 13.90
C LYS A 181 -2.33 -3.87 12.85
N TRP A 182 -2.20 -2.82 12.01
CA TRP A 182 -1.20 -2.79 10.94
C TRP A 182 0.11 -2.05 11.30
N THR A 183 0.07 -1.24 12.36
CA THR A 183 1.09 -0.22 12.62
C THR A 183 2.07 -0.71 13.72
N ALA A 184 3.35 -0.42 13.53
CA ALA A 184 4.41 -0.93 14.40
C ALA A 184 4.28 -0.27 15.76
N PRO A 185 4.58 -1.00 16.85
CA PRO A 185 4.44 -0.39 18.18
C PRO A 185 5.10 0.99 18.31
N GLU A 186 6.27 1.20 17.71
CA GLU A 186 7.01 2.46 17.97
C GLU A 186 6.31 3.62 17.30
N ALA A 187 5.55 3.33 16.25
CA ALA A 187 4.82 4.34 15.53
C ALA A 187 3.52 4.68 16.24
N ILE A 188 2.87 3.67 16.83
CA ILE A 188 1.67 3.93 17.64
C ILE A 188 2.06 4.70 18.89
N ASN A 189 3.14 4.26 19.53
CA ASN A 189 3.56 4.80 20.83
C ASN A 189 4.27 6.17 20.81
N TYR A 190 5.10 6.41 19.79
CA TYR A 190 6.00 7.61 19.75
C TYR A 190 5.79 8.49 18.53
N GLY A 191 5.05 7.97 17.56
CA GLY A 191 4.73 8.70 16.33
C GLY A 191 5.89 8.65 15.39
N THR A 192 6.91 7.86 15.75
CA THR A 192 8.11 7.70 14.94
C THR A 192 7.99 6.52 13.95
N PHE A 193 8.12 6.87 12.67
CA PHE A 193 8.09 5.93 11.54
C PHE A 193 9.42 5.80 10.84
N THR A 194 9.78 4.58 10.46
CA THR A 194 10.96 4.33 9.66
C THR A 194 10.57 3.29 8.64
N ILE A 195 11.46 2.99 7.70
CA ILE A 195 11.25 1.85 6.80
C ILE A 195 10.97 0.54 7.59
N LYS A 196 11.44 0.49 8.85
CA LYS A 196 11.27 -0.68 9.71
C LYS A 196 9.83 -0.77 10.27
N SER A 197 9.13 0.37 10.34
CA SER A 197 7.70 0.43 10.64
C SER A 197 6.91 -0.22 9.53
N ASP A 198 7.31 0.08 8.29
CA ASP A 198 6.71 -0.52 7.09
C ASP A 198 6.96 -2.04 7.07
N VAL A 199 8.15 -2.46 7.49
CA VAL A 199 8.47 -3.89 7.51
C VAL A 199 7.49 -4.59 8.43
N TRP A 200 7.17 -3.97 9.58
CA TRP A 200 6.20 -4.52 10.52
C TRP A 200 4.82 -4.66 9.83
N SER A 201 4.42 -3.59 9.15
CA SER A 201 3.16 -3.59 8.38
C SER A 201 3.12 -4.70 7.34
N PHE A 202 4.26 -4.96 6.70
CA PHE A 202 4.38 -6.03 5.71
C PHE A 202 4.04 -7.41 6.34
N GLY A 203 4.57 -7.70 7.53
CA GLY A 203 4.26 -8.92 8.24
C GLY A 203 2.75 -9.09 8.41
N ILE A 204 2.06 -8.03 8.84
CA ILE A 204 0.61 -8.05 8.97
C ILE A 204 -0.05 -8.31 7.60
N LEU A 205 0.45 -7.63 6.56
CA LEU A 205 -0.06 -7.81 5.18
C LEU A 205 0.05 -9.28 4.71
N LEU A 206 1.16 -9.94 5.03
CA LEU A 206 1.30 -11.37 4.74
C LEU A 206 0.13 -12.23 5.33
N THR A 207 -0.32 -11.88 6.53
CA THR A 207 -1.48 -12.59 7.10
C THR A 207 -2.74 -12.40 6.27
N GLU A 208 -2.92 -11.19 5.71
CA GLU A 208 -4.10 -10.89 4.90
C GLU A 208 -4.07 -11.69 3.60
N ILE A 209 -2.87 -11.86 3.06
CA ILE A 209 -2.70 -12.67 1.85
C ILE A 209 -3.12 -14.12 2.10
N VAL A 210 -2.52 -14.74 3.11
CA VAL A 210 -2.79 -16.15 3.37
C VAL A 210 -4.22 -16.45 3.91
N THR A 211 -4.87 -15.47 4.55
CA THR A 211 -6.26 -15.65 4.96
C THR A 211 -7.30 -15.13 3.95
N HIS A 212 -6.86 -14.79 2.73
CA HIS A 212 -7.75 -14.14 1.73
C HIS A 212 -8.45 -12.90 2.25
N GLY A 213 -7.71 -12.06 2.95
CA GLY A 213 -8.21 -10.71 3.31
C GLY A 213 -8.98 -10.61 4.62
N ARG A 214 -8.78 -11.57 5.50
CA ARG A 214 -9.38 -11.55 6.85
C ARG A 214 -8.70 -10.53 7.72
N ILE A 215 -9.45 -10.00 8.69
CA ILE A 215 -8.94 -9.04 9.65
C ILE A 215 -7.85 -9.70 10.53
N PRO A 216 -6.70 -9.00 10.69
CA PRO A 216 -5.62 -9.52 11.54
C PRO A 216 -6.10 -9.66 12.98
N TYR A 217 -5.45 -10.57 13.71
CA TYR A 217 -5.73 -10.81 15.13
C TYR A 217 -7.22 -11.13 15.31
N PRO A 218 -7.68 -12.24 14.70
CA PRO A 218 -9.08 -12.68 14.72
C PRO A 218 -9.67 -12.67 16.13
N GLY A 219 -10.80 -12.00 16.29
CA GLY A 219 -11.51 -12.04 17.57
C GLY A 219 -10.92 -11.17 18.66
N MET A 220 -10.04 -10.23 18.27
CA MET A 220 -9.35 -9.37 19.25
C MET A 220 -9.63 -7.89 19.01
N THR A 221 -9.86 -7.15 20.08
CA THR A 221 -9.96 -5.71 20.02
C THR A 221 -8.57 -5.04 20.00
N ASN A 222 -8.53 -3.75 19.63
CA ASN A 222 -7.26 -2.99 19.69
C ASN A 222 -6.52 -3.07 21.02
N PRO A 223 -7.19 -2.76 22.16
CA PRO A 223 -6.51 -2.90 23.43
C PRO A 223 -5.97 -4.31 23.68
N GLU A 224 -6.68 -5.36 23.23
CA GLU A 224 -6.17 -6.73 23.42
C GLU A 224 -4.91 -7.02 22.60
N VAL A 225 -4.89 -6.52 21.36
CA VAL A 225 -3.69 -6.63 20.48
C VAL A 225 -2.46 -6.01 21.17
N ILE A 226 -2.64 -4.79 21.67
CA ILE A 226 -1.60 -4.07 22.39
C ILE A 226 -1.14 -4.83 23.64
N GLN A 227 -2.07 -5.30 24.45
CA GLN A 227 -1.75 -6.09 25.63
C GLN A 227 -0.89 -7.36 25.29
N ASN A 228 -1.32 -8.11 24.28
CA ASN A 228 -0.66 -9.32 23.85
C ASN A 228 0.76 -9.02 23.34
N LEU A 229 0.88 -7.99 22.53
CA LEU A 229 2.18 -7.66 21.99
C LEU A 229 3.24 -7.31 23.04
N GLU A 230 2.85 -6.52 24.04
CA GLU A 230 3.69 -6.13 25.16
C GLU A 230 4.13 -7.31 26.01
N ARG A 231 3.33 -8.37 26.06
CA ARG A 231 3.73 -9.63 26.73
C ARG A 231 4.78 -10.39 25.92
N GLY A 232 4.99 -10.02 24.65
CA GLY A 232 5.89 -10.80 23.77
C GLY A 232 5.16 -11.81 22.87
N TYR A 233 3.85 -11.91 22.97
CA TYR A 233 3.10 -12.73 21.99
C TYR A 233 3.08 -11.98 20.66
N ARG A 234 2.92 -12.75 19.58
CA ARG A 234 2.63 -12.19 18.25
C ARG A 234 1.30 -12.80 17.78
N MET A 235 0.86 -12.46 16.58
CA MET A 235 -0.45 -12.94 16.12
C MET A 235 -0.37 -14.46 16.07
N VAL A 236 -1.42 -15.12 16.54
CA VAL A 236 -1.58 -16.56 16.38
C VAL A 236 -1.40 -17.00 14.88
N ARG A 237 -0.77 -18.17 14.65
CA ARG A 237 -0.60 -18.72 13.30
C ARG A 237 -1.94 -18.77 12.61
N PRO A 238 -2.11 -18.00 11.50
CA PRO A 238 -3.36 -18.08 10.73
C PRO A 238 -3.64 -19.51 10.28
N ASP A 239 -4.91 -19.89 10.18
CA ASP A 239 -5.29 -21.17 9.52
C ASP A 239 -4.63 -21.25 8.16
N ASN A 240 -4.12 -22.45 7.87
CA ASN A 240 -3.46 -22.77 6.61
C ASN A 240 -2.24 -21.87 6.26
N CYS A 241 -1.52 -21.38 7.25
CA CYS A 241 -0.34 -20.57 6.97
C CYS A 241 0.85 -21.52 6.97
N PRO A 242 1.62 -21.57 5.86
CA PRO A 242 2.80 -22.43 5.90
C PRO A 242 3.71 -21.88 7.00
N GLU A 243 4.36 -22.79 7.75
CA GLU A 243 5.19 -22.37 8.87
C GLU A 243 6.39 -21.47 8.51
N GLU A 244 6.98 -21.67 7.32
CA GLU A 244 8.09 -20.85 6.84
C GLU A 244 7.71 -19.40 6.68
N LEU A 245 6.54 -19.17 6.09
CA LEU A 245 5.93 -17.83 5.97
C LEU A 245 5.63 -17.22 7.35
N TYR A 246 5.09 -18.04 8.26
CA TYR A 246 4.83 -17.56 9.61
C TYR A 246 6.14 -17.09 10.30
N GLN A 247 7.20 -17.85 10.13
CA GLN A 247 8.45 -17.43 10.72
C GLN A 247 8.99 -16.16 10.06
N LEU A 248 8.74 -16.01 8.77
CA LEU A 248 9.11 -14.79 8.08
C LEU A 248 8.32 -13.56 8.62
N MET A 249 7.01 -13.75 8.90
CA MET A 249 6.19 -12.76 9.62
C MET A 249 6.84 -12.35 10.96
N ARG A 250 7.22 -13.33 11.76
CA ARG A 250 7.86 -13.08 13.07
C ARG A 250 9.12 -12.20 13.00
N LEU A 251 9.90 -12.36 11.93
CA LEU A 251 11.07 -11.49 11.72
C LEU A 251 10.60 -10.08 11.50
N CYS A 252 9.51 -9.88 10.73
CA CYS A 252 8.92 -8.53 10.56
C CYS A 252 8.40 -7.92 11.88
N TRP A 253 8.12 -8.77 12.86
CA TRP A 253 7.58 -8.29 14.11
C TRP A 253 8.59 -8.30 15.26
N LYS A 254 9.90 -8.27 14.93
CA LYS A 254 10.94 -8.14 15.96
C LYS A 254 10.67 -6.89 16.78
N GLU A 255 10.97 -7.00 18.07
CA GLU A 255 10.78 -5.91 19.03
C GLU A 255 11.57 -4.65 18.64
N ARG A 256 12.84 -4.80 18.34
CA ARG A 256 13.69 -3.66 17.95
C ARG A 256 13.60 -3.37 16.44
N PRO A 257 13.15 -2.17 16.05
CA PRO A 257 13.03 -1.96 14.60
C PRO A 257 14.30 -2.38 13.84
N GLU A 258 15.46 -2.14 14.43
CA GLU A 258 16.71 -2.37 13.73
C GLU A 258 17.04 -3.85 13.50
N ASP A 259 16.42 -4.73 14.29
CA ASP A 259 16.52 -6.19 14.08
C ASP A 259 15.60 -6.74 13.01
N ARG A 260 14.66 -5.93 12.56
CA ARG A 260 13.75 -6.32 11.48
C ARG A 260 14.51 -6.36 10.14
N PRO A 261 14.17 -7.32 9.25
CA PRO A 261 14.90 -7.46 7.98
C PRO A 261 14.67 -6.25 7.09
N THR A 262 15.50 -6.15 6.05
CA THR A 262 15.30 -5.23 4.95
C THR A 262 14.22 -5.79 4.01
N PHE A 263 13.64 -4.90 3.19
CA PHE A 263 12.71 -5.34 2.15
C PHE A 263 13.41 -6.14 1.03
N ASP A 264 14.63 -5.77 0.69
CA ASP A 264 15.42 -6.58 -0.23
C ASP A 264 15.50 -8.05 0.29
N TYR A 265 15.87 -8.21 1.57
CA TYR A 265 15.91 -9.55 2.19
C TYR A 265 14.56 -10.29 2.04
N LEU A 266 13.46 -9.63 2.43
CA LEU A 266 12.14 -10.21 2.38
C LEU A 266 11.80 -10.64 0.95
N ARG A 267 12.11 -9.78 -0.03
CA ARG A 267 11.90 -10.11 -1.44
C ARG A 267 12.64 -11.40 -1.83
N SER A 268 13.92 -11.43 -1.46
CA SER A 268 14.78 -12.58 -1.75
C SER A 268 14.24 -13.93 -1.23
N VAL A 269 13.84 -13.91 0.03
CA VAL A 269 13.33 -15.10 0.69
C VAL A 269 11.97 -15.51 0.05
N LEU A 270 11.06 -14.55 -0.18
CA LEU A 270 9.77 -14.88 -0.77
C LEU A 270 9.89 -15.51 -2.20
N GLU A 271 10.83 -15.01 -3.00
CA GLU A 271 11.09 -15.62 -4.30
C GLU A 271 11.62 -17.06 -4.17
N ASP A 272 12.41 -17.30 -3.12
CA ASP A 272 12.89 -18.65 -2.83
C ASP A 272 11.74 -19.57 -2.43
N PHE A 273 10.79 -19.05 -1.62
CA PHE A 273 9.61 -19.79 -1.21
C PHE A 273 8.74 -20.17 -2.41
N PHE A 274 8.54 -19.19 -3.29
CA PHE A 274 7.77 -19.28 -4.52
C PHE A 274 8.37 -20.32 -5.48
N THR A 275 9.65 -20.19 -5.82
CA THR A 275 10.29 -21.12 -6.78
C THR A 275 10.56 -22.52 -6.20
N ALA A 276 10.15 -22.72 -4.95
CA ALA A 276 10.27 -23.99 -4.26
C ALA A 276 8.91 -24.68 -4.23
N THR A 277 7.83 -23.89 -4.19
CA THR A 277 6.47 -24.42 -4.32
C THR A 277 5.98 -24.44 -5.81
#